data_2W5B
#
_entry.id   2W5B
#
_cell.length_a   99.602
_cell.length_b   57.064
_cell.length_c   80.802
_cell.angle_alpha   90.00
_cell.angle_beta   133.45
_cell.angle_gamma   90.00
#
_symmetry.space_group_name_H-M   'C 1 2 1'
#
loop_
_entity.id
_entity.type
_entity.pdbx_description
1 polymer 'SERINE/THREONINE-PROTEIN KINASE NEK2'
2 non-polymer 'PHOSPHOTHIOPHOSPHORIC ACID-ADENYLATE ESTER'
3 non-polymer 'CHLORIDE ION'
4 non-polymer 'MAGNESIUM ION'
5 water water
#
_entity_poly.entity_id   1
_entity_poly.type   'polypeptide(L)'
_entity_poly.pdbx_seq_one_letter_code
;MPSRAEDYEVLYTIGTGSYGRCQKIRRKSDGKILVWKELDYGSMTEAEKQMLVSEVNLLRELKHPNIVRYYDRIIDRTNT
TLYIVMEYCEGGDLASVITKGTKERQYLDEEFVLRVMTQLTLALKECHRRSDGGHTVLHRDLKPANVFLDGKQNVKLGDF
GLARILNHDTSFAKAFVGTPYYMSPEQMNRMSYNEKSDIWSLGCLLYELCALMPPFTAFSQKELAGKIREGKFRRIPYRY
SDELNEIITRMLNLKDYHRPSVEEILENPLILEHHHHHH
;
_entity_poly.pdbx_strand_id   A
#
# COMPACT_ATOMS: atom_id res chain seq x y z
N SER A 3 -11.59 -11.80 19.57
CA SER A 3 -11.36 -12.79 20.61
C SER A 3 -11.79 -14.19 20.16
N ARG A 4 -13.05 -14.32 19.70
CA ARG A 4 -13.60 -15.61 19.29
C ARG A 4 -14.19 -15.58 17.89
N ALA A 5 -13.98 -16.66 17.13
CA ALA A 5 -14.53 -16.77 15.78
C ALA A 5 -16.06 -16.70 15.73
N GLU A 6 -16.70 -17.18 16.80
CA GLU A 6 -18.17 -17.16 16.89
C GLU A 6 -18.73 -15.74 16.97
N ASP A 7 -17.86 -14.78 17.21
CA ASP A 7 -18.25 -13.38 17.30
C ASP A 7 -18.50 -12.76 15.93
N TYR A 8 -18.06 -13.47 14.89
CA TYR A 8 -18.16 -12.95 13.54
C TYR A 8 -18.90 -13.90 12.61
N GLU A 9 -19.55 -13.33 11.60
CA GLU A 9 -20.17 -14.12 10.55
C GLU A 9 -19.54 -13.81 9.20
N VAL A 10 -18.78 -14.76 8.66
CA VAL A 10 -18.25 -14.62 7.31
C VAL A 10 -19.39 -14.43 6.33
N LEU A 11 -19.29 -13.39 5.51
CA LEU A 11 -20.29 -13.15 4.48
C LEU A 11 -19.86 -13.81 3.16
N TYR A 12 -18.71 -13.40 2.64
CA TYR A 12 -18.14 -14.02 1.46
C TYR A 12 -16.64 -13.76 1.40
N THR A 13 -15.98 -14.45 0.47
CA THR A 13 -14.56 -14.32 0.25
C THR A 13 -14.33 -13.19 -0.74
N ILE A 14 -13.59 -12.17 -0.33
CA ILE A 14 -13.30 -11.06 -1.22
C ILE A 14 -12.22 -11.48 -2.19
N GLY A 15 -11.22 -12.19 -1.68
CA GLY A 15 -10.12 -12.61 -2.53
C GLY A 15 -9.22 -13.58 -1.82
N THR A 16 -8.54 -14.39 -2.60
CA THR A 16 -7.53 -15.28 -2.09
C THR A 16 -6.22 -14.58 -2.37
N GLY A 17 -5.50 -14.23 -1.31
CA GLY A 17 -4.18 -13.64 -1.46
C GLY A 17 -3.12 -14.71 -1.61
N SER A 18 -1.86 -14.30 -1.51
CA SER A 18 -0.76 -15.24 -1.66
C SER A 18 -0.63 -16.06 -0.38
N TYR A 19 -1.15 -15.52 0.71
CA TYR A 19 -0.98 -16.12 2.03
C TYR A 19 -2.29 -16.55 2.68
N GLY A 20 -3.36 -16.58 1.90
CA GLY A 20 -4.64 -17.03 2.40
C GLY A 20 -5.80 -16.20 1.87
N ARG A 21 -6.97 -16.38 2.48
CA ARG A 21 -8.15 -15.66 2.04
C ARG A 21 -8.35 -14.36 2.81
N CYS A 22 -8.85 -13.38 2.10
CA CYS A 22 -9.44 -12.21 2.72
C CYS A 22 -10.95 -12.34 2.59
N GLN A 23 -11.64 -12.24 3.71
CA GLN A 23 -13.07 -12.39 3.70
C GLN A 23 -13.81 -11.20 4.33
N LYS A 24 -14.94 -10.87 3.74
CA LYS A 24 -15.83 -9.88 4.32
C LYS A 24 -16.61 -10.55 5.44
N ILE A 25 -16.56 -9.96 6.63
CA ILE A 25 -17.25 -10.53 7.79
C ILE A 25 -18.15 -9.50 8.47
N ARG A 26 -19.15 -9.99 9.20
CA ARG A 26 -20.03 -9.13 9.99
C ARG A 26 -19.80 -9.43 11.47
N ARG A 27 -19.49 -8.38 12.22
CA ARG A 27 -19.35 -8.53 13.67
C ARG A 27 -20.73 -8.61 14.31
N LYS A 28 -20.97 -9.69 15.05
CA LYS A 28 -22.30 -9.98 15.58
C LYS A 28 -22.81 -8.95 16.59
N SER A 29 -21.92 -8.49 17.47
CA SER A 29 -22.30 -7.55 18.52
C SER A 29 -23.09 -6.33 17.99
N ASP A 30 -22.73 -5.86 16.80
CA ASP A 30 -23.34 -4.64 16.27
C ASP A 30 -23.55 -4.62 14.75
N GLY A 31 -23.34 -5.76 14.10
CA GLY A 31 -23.51 -5.85 12.65
C GLY A 31 -22.50 -5.07 11.81
N LYS A 32 -21.41 -4.65 12.46
CA LYS A 32 -20.31 -3.93 11.84
C LYS A 32 -19.65 -4.76 10.73
N ILE A 33 -19.55 -4.19 9.54
CA ILE A 33 -18.92 -4.89 8.44
C ILE A 33 -17.40 -4.68 8.43
N LEU A 34 -16.68 -5.79 8.42
CA LEU A 34 -15.22 -5.79 8.49
C LEU A 34 -14.66 -6.82 7.53
N VAL A 35 -13.34 -6.95 7.51
CA VAL A 35 -12.76 -8.09 6.82
C VAL A 35 -11.90 -8.83 7.83
N TRP A 36 -11.50 -10.05 7.50
CA TRP A 36 -10.39 -10.67 8.21
C TRP A 36 -9.48 -11.38 7.22
N LYS A 37 -8.23 -11.55 7.63
CA LYS A 37 -7.25 -12.21 6.79
C LYS A 37 -6.88 -13.55 7.38
N GLU A 38 -7.16 -14.59 6.62
CA GLU A 38 -7.07 -15.96 7.09
C GLU A 38 -5.68 -16.54 6.82
N LEU A 39 -4.97 -16.85 7.91
CA LEU A 39 -3.57 -17.27 7.82
C LEU A 39 -3.31 -18.59 8.54
N ASP A 40 -2.85 -19.58 7.78
CA ASP A 40 -2.48 -20.87 8.37
C ASP A 40 -1.06 -20.78 8.91
N TYR A 41 -0.90 -20.90 10.23
CA TYR A 41 0.41 -20.81 10.86
C TYR A 41 1.00 -22.18 11.18
N GLY A 42 0.40 -23.23 10.62
CA GLY A 42 0.76 -24.60 10.93
C GLY A 42 2.21 -24.97 10.70
N SER A 43 2.83 -24.37 9.70
CA SER A 43 4.22 -24.69 9.35
C SER A 43 5.24 -23.76 9.99
N MET A 44 4.76 -22.92 10.92
CA MET A 44 5.64 -21.95 11.57
C MET A 44 6.33 -22.49 12.82
N THR A 45 7.57 -22.07 13.02
CA THR A 45 8.33 -22.40 14.23
C THR A 45 7.90 -21.44 15.34
N GLU A 46 8.33 -21.73 16.57
CA GLU A 46 8.04 -20.85 17.70
C GLU A 46 8.66 -19.47 17.49
N ALA A 47 9.84 -19.43 16.88
CA ALA A 47 10.54 -18.18 16.62
C ALA A 47 9.80 -17.28 15.63
N GLU A 48 9.25 -17.89 14.58
CA GLU A 48 8.52 -17.14 13.56
C GLU A 48 7.20 -16.61 14.10
N LYS A 49 6.64 -17.32 15.08
CA LYS A 49 5.36 -16.92 15.64
C LYS A 49 5.48 -15.74 16.62
N GLN A 50 6.58 -15.68 17.35
CA GLN A 50 6.79 -14.56 18.27
C GLN A 50 7.06 -13.29 17.47
N MET A 51 7.78 -13.44 16.36
CA MET A 51 8.01 -12.31 15.46
C MET A 51 6.72 -11.87 14.79
N LEU A 52 5.85 -12.84 14.49
CA LEU A 52 4.55 -12.54 13.93
C LEU A 52 3.73 -11.77 14.97
N VAL A 53 3.78 -12.24 16.20
CA VAL A 53 3.12 -11.56 17.33
C VAL A 53 3.63 -10.12 17.47
N SER A 54 4.93 -9.93 17.31
CA SER A 54 5.53 -8.60 17.36
C SER A 54 4.97 -7.67 16.28
N GLU A 55 4.85 -8.18 15.06
CA GLU A 55 4.40 -7.38 13.92
C GLU A 55 2.95 -6.95 14.09
N VAL A 56 2.13 -7.87 14.60
CA VAL A 56 0.72 -7.61 14.86
C VAL A 56 0.55 -6.51 15.92
N ASN A 57 1.32 -6.60 16.99
CA ASN A 57 1.31 -5.57 18.02
C ASN A 57 1.65 -4.18 17.52
N LEU A 58 2.61 -4.09 16.59
CA LEU A 58 2.97 -2.82 15.97
C LEU A 58 1.87 -2.35 15.03
N LEU A 59 1.19 -3.32 14.42
CA LEU A 59 0.10 -3.06 13.50
C LEU A 59 -1.11 -2.47 14.24
N ARG A 60 -1.41 -3.01 15.42
CA ARG A 60 -2.53 -2.52 16.23
C ARG A 60 -2.23 -1.13 16.74
N GLU A 61 -0.95 -0.79 16.76
CA GLU A 61 -0.51 0.46 17.35
C GLU A 61 -0.67 1.64 16.40
N LEU A 62 -1.00 1.33 15.15
CA LEU A 62 -1.22 2.35 14.13
C LEU A 62 -2.66 2.78 14.08
N LYS A 63 -2.93 3.93 14.64
CA LYS A 63 -4.28 4.47 14.50
C LYS A 63 -4.24 5.78 13.75
N HIS A 64 -4.67 5.73 12.50
CA HIS A 64 -4.58 6.85 11.60
C HIS A 64 -5.70 6.71 10.59
N PRO A 65 -6.38 7.82 10.26
CA PRO A 65 -7.46 7.77 9.27
C PRO A 65 -6.96 7.23 7.93
N ASN A 66 -5.68 7.42 7.63
CA ASN A 66 -5.15 7.07 6.30
C ASN A 66 -4.38 5.75 6.28
N ILE A 67 -4.52 4.98 7.36
CA ILE A 67 -3.96 3.64 7.42
C ILE A 67 -5.05 2.63 7.72
N VAL A 68 -5.16 1.58 6.93
CA VAL A 68 -6.18 0.55 7.20
C VAL A 68 -6.14 0.12 8.67
N ARG A 69 -7.28 0.28 9.36
N ARG A 69 -7.28 0.27 9.34
CA ARG A 69 -7.34 0.11 10.81
CA ARG A 69 -7.35 0.10 10.79
C ARG A 69 -7.36 -1.36 11.23
C ARG A 69 -7.36 -1.37 11.23
N TYR A 70 -6.56 -1.68 12.24
CA TYR A 70 -6.53 -3.02 12.82
C TYR A 70 -7.68 -3.14 13.81
N TYR A 71 -8.26 -4.34 13.93
CA TYR A 71 -9.39 -4.54 14.85
C TYR A 71 -9.28 -5.70 15.86
N ASP A 72 -8.77 -6.84 15.44
CA ASP A 72 -8.81 -8.04 16.28
C ASP A 72 -7.90 -9.16 15.77
N ARG A 73 -7.56 -10.08 16.67
CA ARG A 73 -6.89 -11.33 16.31
C ARG A 73 -7.67 -12.51 16.84
N ILE A 74 -7.80 -13.54 16.03
CA ILE A 74 -8.53 -14.73 16.44
C ILE A 74 -7.74 -15.97 16.04
N ILE A 75 -7.53 -16.87 16.99
CA ILE A 75 -6.91 -18.14 16.66
C ILE A 75 -7.90 -19.30 16.74
N ASP A 76 -7.97 -20.09 15.69
CA ASP A 76 -8.59 -21.40 15.74
C ASP A 76 -7.51 -22.46 15.59
N ARG A 77 -7.03 -22.97 16.72
CA ARG A 77 -5.95 -23.93 16.74
C ARG A 77 -6.27 -25.24 16.02
N THR A 78 -7.56 -25.55 15.93
CA THR A 78 -8.00 -26.78 15.27
C THR A 78 -7.58 -26.82 13.80
N ASN A 79 -7.60 -25.66 13.16
CA ASN A 79 -7.16 -25.52 11.78
C ASN A 79 -5.80 -24.85 11.69
N THR A 80 -5.20 -24.58 12.85
CA THR A 80 -4.00 -23.76 12.96
C THR A 80 -4.15 -22.50 12.12
N THR A 81 -5.27 -21.83 12.29
CA THR A 81 -5.59 -20.66 11.50
C THR A 81 -5.64 -19.41 12.37
N LEU A 82 -4.85 -18.41 12.00
CA LEU A 82 -4.93 -17.10 12.62
C LEU A 82 -5.76 -16.17 11.72
N TYR A 83 -6.66 -15.40 12.35
CA TYR A 83 -7.48 -14.42 11.63
C TYR A 83 -7.14 -13.02 12.10
N ILE A 84 -6.85 -12.12 11.17
CA ILE A 84 -6.64 -10.74 11.54
C ILE A 84 -7.78 -9.87 11.03
N VAL A 85 -8.57 -9.34 11.97
CA VAL A 85 -9.73 -8.53 11.64
C VAL A 85 -9.31 -7.11 11.31
N MET A 86 -9.64 -6.67 10.09
CA MET A 86 -9.29 -5.33 9.63
C MET A 86 -10.53 -4.54 9.20
N GLU A 87 -10.32 -3.24 9.03
CA GLU A 87 -11.30 -2.33 8.47
C GLU A 87 -11.68 -2.71 7.03
N TYR A 88 -12.98 -2.65 6.73
CA TYR A 88 -13.44 -2.97 5.38
C TYR A 88 -13.38 -1.74 4.52
N CYS A 89 -12.64 -1.86 3.43
CA CYS A 89 -12.48 -0.76 2.50
C CYS A 89 -13.27 -1.01 1.23
N GLU A 90 -14.39 -0.31 1.17
CA GLU A 90 -15.46 -0.57 0.24
C GLU A 90 -15.11 -0.24 -1.21
N GLY A 91 -14.19 0.71 -1.42
CA GLY A 91 -13.80 1.11 -2.77
C GLY A 91 -12.73 0.22 -3.40
N GLY A 92 -12.22 -0.74 -2.64
CA GLY A 92 -11.20 -1.64 -3.14
C GLY A 92 -9.81 -1.03 -3.14
N ASP A 93 -8.91 -1.65 -3.91
CA ASP A 93 -7.51 -1.25 -3.98
C ASP A 93 -7.23 -0.43 -5.25
N LEU A 94 -6.09 0.26 -5.28
CA LEU A 94 -5.74 1.12 -6.41
C LEU A 94 -5.34 0.38 -7.69
N ALA A 95 -4.79 -0.81 -7.55
CA ALA A 95 -4.51 -1.63 -8.72
C ALA A 95 -5.76 -1.79 -9.58
N SER A 96 -6.86 -2.21 -8.96
CA SER A 96 -8.13 -2.38 -9.69
C SER A 96 -8.57 -1.07 -10.33
N VAL A 97 -8.40 0.04 -9.62
CA VAL A 97 -8.76 1.34 -10.17
C VAL A 97 -7.96 1.64 -11.44
N ILE A 98 -6.68 1.26 -11.42
CA ILE A 98 -5.79 1.55 -12.54
C ILE A 98 -6.10 0.61 -13.70
N THR A 99 -6.45 -0.63 -13.37
CA THR A 99 -6.87 -1.60 -14.37
C THR A 99 -8.15 -1.15 -15.04
N LYS A 100 -9.06 -0.60 -14.24
CA LYS A 100 -10.34 -0.10 -14.73
C LYS A 100 -10.16 1.11 -15.65
N GLY A 101 -9.18 1.95 -15.32
CA GLY A 101 -8.88 3.11 -16.12
C GLY A 101 -8.39 2.74 -17.51
N THR A 102 -7.60 1.67 -17.58
CA THR A 102 -7.07 1.20 -18.87
C THR A 102 -8.16 0.59 -19.74
N LYS A 103 -8.93 -0.33 -19.16
CA LYS A 103 -10.02 -0.99 -19.86
C LYS A 103 -11.01 0.00 -20.47
N GLU A 104 -11.48 0.94 -19.65
CA GLU A 104 -12.48 1.91 -20.07
C GLU A 104 -11.89 3.08 -20.86
N ARG A 105 -10.58 3.06 -21.03
CA ARG A 105 -9.87 4.07 -21.83
C ARG A 105 -10.04 5.49 -21.28
N GLN A 106 -10.12 5.60 -19.95
CA GLN A 106 -10.36 6.87 -19.29
C GLN A 106 -9.31 7.18 -18.23
N TYR A 107 -8.87 8.44 -18.18
CA TYR A 107 -7.90 8.86 -17.18
C TYR A 107 -8.57 9.30 -15.88
N LEU A 108 -7.84 9.12 -14.79
CA LEU A 108 -8.35 9.51 -13.48
C LEU A 108 -8.35 11.04 -13.29
N ASP A 109 -9.37 11.55 -12.60
CA ASP A 109 -9.47 12.96 -12.28
C ASP A 109 -8.22 13.41 -11.52
N GLU A 110 -7.75 14.62 -11.81
CA GLU A 110 -6.63 15.19 -11.06
C GLU A 110 -6.97 15.29 -9.57
N GLU A 111 -8.23 15.63 -9.27
CA GLU A 111 -8.72 15.74 -7.90
C GLU A 111 -8.50 14.43 -7.11
N PHE A 112 -8.74 13.31 -7.79
CA PHE A 112 -8.48 12.01 -7.21
C PHE A 112 -6.98 11.79 -6.93
N VAL A 113 -6.15 12.09 -7.92
CA VAL A 113 -4.71 11.96 -7.75
C VAL A 113 -4.22 12.80 -6.58
N LEU A 114 -4.83 13.98 -6.40
CA LEU A 114 -4.48 14.86 -5.29
C LEU A 114 -4.93 14.32 -3.93
N ARG A 115 -6.08 13.65 -3.91
CA ARG A 115 -6.52 12.94 -2.71
C ARG A 115 -5.56 11.84 -2.28
N VAL A 116 -5.15 10.98 -3.21
CA VAL A 116 -4.15 9.95 -2.94
C VAL A 116 -2.82 10.55 -2.49
N MET A 117 -2.35 11.56 -3.23
CA MET A 117 -1.10 12.23 -2.90
C MET A 117 -1.11 12.74 -1.45
N THR A 118 -2.17 13.46 -1.09
CA THR A 118 -2.31 14.05 0.23
C THR A 118 -2.39 13.00 1.32
N GLN A 119 -3.37 12.11 1.22
CA GLN A 119 -3.63 11.14 2.26
C GLN A 119 -2.57 10.04 2.39
N LEU A 120 -1.95 9.67 1.27
CA LEU A 120 -0.81 8.73 1.33
C LEU A 120 0.44 9.35 1.92
N THR A 121 0.66 10.65 1.66
CA THR A 121 1.80 11.31 2.29
C THR A 121 1.62 11.37 3.81
N LEU A 122 0.40 11.67 4.24
CA LEU A 122 0.06 11.67 5.67
C LEU A 122 0.25 10.28 6.29
N ALA A 123 -0.18 9.25 5.57
CA ALA A 123 0.06 7.88 5.99
C ALA A 123 1.55 7.61 6.20
N LEU A 124 2.37 8.07 5.25
CA LEU A 124 3.83 7.95 5.34
C LEU A 124 4.42 8.69 6.53
N LYS A 125 4.10 9.97 6.68
CA LYS A 125 4.53 10.75 7.82
C LYS A 125 4.31 9.95 9.11
N GLU A 126 3.15 9.33 9.23
CA GLU A 126 2.84 8.50 10.39
C GLU A 126 3.74 7.25 10.51
N CYS A 127 3.97 6.56 9.40
CA CYS A 127 4.84 5.37 9.38
C CYS A 127 6.26 5.70 9.79
N HIS A 128 6.75 6.83 9.30
CA HIS A 128 8.11 7.27 9.61
C HIS A 128 8.23 7.62 11.10
N ARG A 129 7.22 8.30 11.62
CA ARG A 129 7.20 8.71 13.02
C ARG A 129 7.41 7.52 13.94
N ARG A 130 6.89 6.37 13.51
CA ARG A 130 6.88 5.17 14.34
C ARG A 130 8.06 4.24 14.06
N SER A 131 9.00 4.70 13.24
CA SER A 131 10.18 3.90 12.91
C SER A 131 11.32 4.11 13.91
N LEU A 138 8.67 -2.28 9.92
CA LEU A 138 7.48 -1.54 9.54
C LEU A 138 7.29 -1.53 8.02
N HIS A 139 6.26 -2.23 7.55
CA HIS A 139 6.03 -2.40 6.13
C HIS A 139 5.31 -1.21 5.52
N ARG A 140 5.96 -0.60 4.53
CA ARG A 140 5.40 0.55 3.82
C ARG A 140 5.65 0.42 2.32
N ASP A 141 5.36 -0.76 1.78
CA ASP A 141 5.45 -1.04 0.35
C ASP A 141 4.26 -0.38 -0.37
N LEU A 142 4.55 0.57 -1.25
CA LEU A 142 3.51 1.42 -1.82
C LEU A 142 2.93 1.03 -3.18
N LYS A 143 2.95 -0.26 -3.52
CA LYS A 143 2.28 -0.72 -4.75
C LYS A 143 0.77 -0.49 -4.67
N PRO A 144 0.14 -0.21 -5.83
CA PRO A 144 -1.29 0.12 -5.93
C PRO A 144 -2.18 -0.89 -5.21
N ALA A 145 -1.78 -2.15 -5.23
CA ALA A 145 -2.54 -3.21 -4.59
C ALA A 145 -2.62 -3.03 -3.06
N ASN A 146 -1.63 -2.33 -2.51
CA ASN A 146 -1.57 -2.10 -1.06
C ASN A 146 -2.27 -0.81 -0.63
N VAL A 147 -3.01 -0.19 -1.54
CA VAL A 147 -3.66 1.08 -1.24
C VAL A 147 -5.17 1.00 -1.46
N PHE A 148 -5.93 1.33 -0.43
CA PHE A 148 -7.38 1.11 -0.49
C PHE A 148 -8.21 2.38 -0.40
N LEU A 149 -9.46 2.25 -0.80
CA LEU A 149 -10.42 3.34 -0.77
C LEU A 149 -11.63 2.89 0.03
N ASP A 150 -12.09 3.75 0.93
CA ASP A 150 -13.35 3.49 1.60
C ASP A 150 -14.52 4.09 0.80
N GLY A 151 -15.68 4.17 1.41
CA GLY A 151 -16.84 4.72 0.71
C GLY A 151 -17.03 6.22 0.87
N LYS A 152 -15.97 6.91 1.30
CA LYS A 152 -16.09 8.35 1.56
C LYS A 152 -14.95 9.19 0.96
N GLN A 153 -14.29 8.65 -0.05
CA GLN A 153 -13.19 9.32 -0.75
C GLN A 153 -11.92 9.36 0.10
N ASN A 154 -11.88 8.48 1.10
CA ASN A 154 -10.68 8.36 1.93
C ASN A 154 -9.73 7.29 1.43
N VAL A 155 -8.44 7.58 1.54
CA VAL A 155 -7.42 6.71 0.99
C VAL A 155 -6.63 6.12 2.15
N LYS A 156 -6.44 4.81 2.13
CA LYS A 156 -5.76 4.15 3.24
C LYS A 156 -4.63 3.23 2.78
N LEU A 157 -3.49 3.36 3.43
CA LEU A 157 -2.40 2.42 3.22
C LEU A 157 -2.68 1.11 3.95
N GLY A 158 -2.61 0.01 3.21
CA GLY A 158 -2.84 -1.32 3.77
C GLY A 158 -1.80 -2.32 3.33
N ASP A 159 -0.55 -2.09 3.71
CA ASP A 159 0.52 -3.03 3.42
C ASP A 159 0.59 -4.07 4.52
N PHE A 160 0.16 -5.28 4.20
CA PHE A 160 0.11 -6.37 5.15
C PHE A 160 1.35 -7.25 5.07
N GLY A 161 2.53 -6.62 5.11
CA GLY A 161 3.79 -7.34 5.02
C GLY A 161 3.89 -8.51 5.99
N LEU A 162 3.21 -8.37 7.13
CA LEU A 162 3.07 -9.44 8.12
C LEU A 162 3.17 -10.84 7.54
N ALA A 163 2.29 -11.10 6.58
CA ALA A 163 2.01 -12.46 6.12
C ALA A 163 3.13 -13.20 5.40
N ARG A 164 4.16 -12.49 4.96
CA ARG A 164 5.30 -13.12 4.27
C ARG A 164 5.87 -14.30 5.05
N ILE A 165 5.92 -14.14 6.37
CA ILE A 165 6.58 -15.11 7.25
C ILE A 165 5.90 -16.49 7.30
N LEU A 166 4.65 -16.56 6.88
CA LEU A 166 3.88 -17.81 6.96
C LEU A 166 4.36 -18.88 5.98
N ASN A 167 4.52 -18.50 4.72
CA ASN A 167 5.09 -19.38 3.70
C ASN A 167 6.30 -18.74 3.02
N HIS A 168 7.48 -19.33 3.25
CA HIS A 168 8.72 -18.81 2.70
C HIS A 168 8.86 -19.17 1.23
N ASP A 169 8.18 -20.24 0.82
CA ASP A 169 8.18 -20.65 -0.58
C ASP A 169 7.45 -19.63 -1.44
N THR A 170 6.25 -19.25 -0.99
CA THR A 170 5.45 -18.27 -1.70
C THR A 170 6.10 -16.90 -1.62
N SER A 171 6.72 -16.62 -0.47
CA SER A 171 7.37 -15.33 -0.26
C SER A 171 8.63 -15.20 -1.13
N PHE A 172 9.29 -16.31 -1.40
CA PHE A 172 10.47 -16.30 -2.26
C PHE A 172 10.09 -16.11 -3.72
N ALA A 173 9.04 -16.82 -4.14
CA ALA A 173 8.55 -16.70 -5.51
C ALA A 173 8.05 -15.29 -5.81
N LYS A 174 7.43 -14.66 -4.81
CA LYS A 174 6.93 -13.30 -4.97
C LYS A 174 8.08 -12.30 -5.10
N ALA A 175 9.15 -12.54 -4.34
CA ALA A 175 10.33 -11.69 -4.38
C ALA A 175 11.19 -11.87 -5.64
N PHE A 176 11.20 -13.10 -6.16
CA PHE A 176 12.08 -13.44 -7.28
C PHE A 176 11.42 -13.22 -8.64
N VAL A 177 10.14 -13.59 -8.74
CA VAL A 177 9.42 -13.43 -10.00
C VAL A 177 9.06 -11.98 -10.27
N GLY A 178 8.62 -11.29 -9.22
CA GLY A 178 8.14 -9.92 -9.32
C GLY A 178 9.16 -8.89 -9.78
N THR A 179 8.63 -7.82 -10.39
CA THR A 179 9.45 -6.73 -10.88
C THR A 179 9.28 -5.49 -10.00
N PRO A 180 10.37 -5.02 -9.40
CA PRO A 180 10.36 -3.87 -8.48
C PRO A 180 10.24 -2.53 -9.21
N TYR A 181 9.10 -2.29 -9.85
CA TYR A 181 8.89 -1.08 -10.63
C TYR A 181 9.18 0.18 -9.81
N TYR A 182 8.87 0.10 -8.51
CA TYR A 182 8.95 1.25 -7.63
C TYR A 182 10.27 1.37 -6.85
N MET A 183 11.27 0.59 -7.25
CA MET A 183 12.56 0.55 -6.55
C MET A 183 13.41 1.80 -6.78
N SER A 184 13.68 2.54 -5.70
CA SER A 184 14.53 3.73 -5.75
C SER A 184 15.95 3.35 -6.12
N PRO A 185 16.68 4.28 -6.75
CA PRO A 185 18.09 4.08 -7.09
C PRO A 185 18.93 3.73 -5.87
N GLU A 186 18.72 4.42 -4.74
CA GLU A 186 19.42 4.11 -3.50
C GLU A 186 19.27 2.64 -3.16
N GLN A 187 18.03 2.18 -3.13
CA GLN A 187 17.71 0.84 -2.67
C GLN A 187 18.22 -0.22 -3.63
N MET A 188 18.33 0.15 -4.92
CA MET A 188 18.94 -0.74 -5.90
C MET A 188 20.44 -0.90 -5.66
N ASN A 189 21.11 0.20 -5.35
CA ASN A 189 22.56 0.19 -5.16
C ASN A 189 22.99 -0.20 -3.74
N ARG A 190 22.41 -1.29 -3.22
CA ARG A 190 22.80 -1.84 -1.92
C ARG A 190 22.43 -0.98 -0.71
N MET A 191 21.29 -0.30 -0.75
CA MET A 191 20.91 0.55 0.37
C MET A 191 19.94 -0.04 1.39
N SER A 192 19.63 0.79 2.39
CA SER A 192 18.76 0.44 3.51
C SER A 192 17.81 1.59 3.82
N TYR A 193 17.37 1.66 5.06
CA TYR A 193 16.34 2.62 5.49
C TYR A 193 16.65 4.09 5.19
N ASN A 194 15.79 4.70 4.39
CA ASN A 194 15.86 6.14 4.08
C ASN A 194 14.48 6.59 3.58
N GLU A 195 13.90 7.56 4.29
CA GLU A 195 12.52 7.99 4.09
C GLU A 195 12.30 8.69 2.74
N LYS A 196 13.36 9.28 2.20
CA LYS A 196 13.32 9.82 0.84
C LYS A 196 13.07 8.70 -0.18
N SER A 197 13.50 7.50 0.14
CA SER A 197 13.22 6.34 -0.71
C SER A 197 11.72 6.10 -0.84
N ASP A 198 10.97 6.34 0.24
CA ASP A 198 9.53 6.17 0.20
C ASP A 198 8.87 7.23 -0.68
N ILE A 199 9.49 8.40 -0.76
CA ILE A 199 8.97 9.50 -1.57
C ILE A 199 9.08 9.16 -3.05
N TRP A 200 10.18 8.53 -3.43
CA TRP A 200 10.37 8.07 -4.80
C TRP A 200 9.30 7.05 -5.17
N SER A 201 9.04 6.11 -4.26
CA SER A 201 7.99 5.11 -4.47
C SER A 201 6.60 5.73 -4.59
N LEU A 202 6.34 6.75 -3.77
CA LEU A 202 5.07 7.46 -3.86
C LEU A 202 4.93 8.16 -5.22
N GLY A 203 6.03 8.76 -5.69
CA GLY A 203 6.08 9.35 -7.02
C GLY A 203 5.72 8.36 -8.12
N CYS A 204 6.31 7.18 -8.08
CA CYS A 204 5.99 6.11 -9.04
C CYS A 204 4.50 5.80 -9.04
N LEU A 205 3.93 5.71 -7.84
CA LEU A 205 2.52 5.37 -7.66
C LEU A 205 1.62 6.44 -8.26
N LEU A 206 1.90 7.70 -7.94
CA LEU A 206 1.07 8.81 -8.42
C LEU A 206 1.22 8.94 -9.94
N TYR A 207 2.44 8.69 -10.39
CA TYR A 207 2.71 8.65 -11.82
C TYR A 207 1.86 7.59 -12.52
N GLU A 208 1.84 6.38 -11.97
CA GLU A 208 1.08 5.30 -12.57
C GLU A 208 -0.41 5.63 -12.53
N LEU A 209 -0.81 6.37 -11.51
CA LEU A 209 -2.19 6.80 -11.37
C LEU A 209 -2.57 7.76 -12.49
N CYS A 210 -1.62 8.59 -12.92
CA CYS A 210 -1.84 9.57 -13.98
C CYS A 210 -1.71 8.95 -15.37
N ALA A 211 -0.62 8.24 -15.61
CA ALA A 211 -0.31 7.73 -16.94
C ALA A 211 -0.89 6.33 -17.18
N LEU A 212 -1.34 5.69 -16.10
CA LEU A 212 -1.87 4.33 -16.15
C LEU A 212 -0.79 3.32 -16.47
N MET A 213 0.46 3.76 -16.33
CA MET A 213 1.62 2.90 -16.46
C MET A 213 2.69 3.45 -15.53
N PRO A 214 3.60 2.59 -15.07
CA PRO A 214 4.69 3.07 -14.22
C PRO A 214 5.66 3.89 -15.06
N PRO A 215 6.43 4.79 -14.43
CA PRO A 215 7.41 5.65 -15.13
C PRO A 215 8.51 4.84 -15.81
N PHE A 216 8.91 3.72 -15.22
CA PHE A 216 9.97 2.88 -15.76
C PHE A 216 9.47 1.46 -16.00
N THR A 217 9.59 0.99 -17.23
CA THR A 217 9.12 -0.34 -17.57
C THR A 217 10.19 -1.09 -18.34
N ALA A 218 10.23 -2.40 -18.14
CA ALA A 218 11.13 -3.25 -18.90
C ALA A 218 10.72 -4.72 -18.79
N PHE A 219 11.26 -5.53 -19.67
CA PHE A 219 10.98 -6.96 -19.65
C PHE A 219 12.04 -7.67 -18.82
N SER A 220 13.07 -6.92 -18.45
CA SER A 220 14.18 -7.45 -17.67
C SER A 220 14.48 -6.57 -16.47
N GLN A 221 15.04 -7.18 -15.42
CA GLN A 221 15.38 -6.43 -14.23
C GLN A 221 16.56 -5.51 -14.47
N LYS A 222 17.56 -6.00 -15.21
CA LYS A 222 18.73 -5.18 -15.48
C LYS A 222 18.43 -4.11 -16.51
N GLU A 223 17.40 -4.32 -17.32
CA GLU A 223 16.92 -3.30 -18.24
C GLU A 223 16.12 -2.24 -17.49
N LEU A 224 15.40 -2.67 -16.47
CA LEU A 224 14.65 -1.77 -15.60
C LEU A 224 15.61 -0.95 -14.75
N ALA A 225 16.73 -1.57 -14.36
CA ALA A 225 17.71 -0.90 -13.52
C ALA A 225 18.41 0.21 -14.29
N GLY A 226 18.71 -0.04 -15.57
CA GLY A 226 19.25 0.98 -16.44
C GLY A 226 18.32 2.17 -16.56
N LYS A 227 17.04 1.91 -16.78
CA LYS A 227 16.02 2.96 -16.91
C LYS A 227 15.96 3.85 -15.68
N ILE A 228 15.81 3.22 -14.52
CA ILE A 228 15.77 3.93 -13.24
C ILE A 228 17.03 4.75 -13.01
N ARG A 229 18.17 4.13 -13.26
CA ARG A 229 19.48 4.75 -13.15
C ARG A 229 19.55 6.06 -13.93
N GLU A 230 18.95 6.07 -15.13
CA GLU A 230 18.95 7.27 -15.98
C GLU A 230 17.96 8.35 -15.50
N GLY A 231 16.85 7.91 -14.90
CA GLY A 231 15.88 8.81 -14.31
C GLY A 231 15.08 9.61 -15.32
N LYS A 232 14.86 9.05 -16.50
CA LYS A 232 14.06 9.69 -17.55
C LYS A 232 12.75 8.93 -17.77
N PHE A 233 11.68 9.68 -17.98
CA PHE A 233 10.35 9.11 -18.16
C PHE A 233 9.52 10.09 -18.96
N ARG A 234 8.37 9.65 -19.46
CA ARG A 234 7.49 10.54 -20.19
C ARG A 234 6.79 11.47 -19.21
N ARG A 235 6.44 12.67 -19.65
CA ARG A 235 5.58 13.51 -18.85
C ARG A 235 4.24 12.80 -18.71
N ILE A 236 3.62 12.90 -17.54
CA ILE A 236 2.27 12.42 -17.36
C ILE A 236 1.38 13.13 -18.39
N PRO A 237 0.22 12.55 -18.70
CA PRO A 237 -0.66 13.14 -19.72
C PRO A 237 -0.94 14.64 -19.50
N TYR A 238 -1.21 15.33 -20.61
CA TYR A 238 -1.42 16.79 -20.59
C TYR A 238 -2.70 17.27 -19.90
N ARG A 239 -3.65 16.37 -19.67
CA ARG A 239 -4.84 16.72 -18.89
C ARG A 239 -4.47 17.11 -17.45
N TYR A 240 -3.30 16.64 -16.98
CA TYR A 240 -2.82 16.96 -15.64
C TYR A 240 -1.99 18.25 -15.63
N SER A 241 -2.23 19.08 -14.62
CA SER A 241 -1.59 20.37 -14.50
C SER A 241 -0.06 20.28 -14.43
N ASP A 242 0.61 21.33 -14.90
CA ASP A 242 2.05 21.49 -14.73
C ASP A 242 2.46 21.38 -13.25
N GLU A 243 1.61 21.84 -12.35
CA GLU A 243 1.92 21.79 -10.93
C GLU A 243 2.00 20.35 -10.42
N LEU A 244 1.03 19.54 -10.81
CA LEU A 244 1.01 18.14 -10.39
C LEU A 244 2.15 17.39 -11.04
N ASN A 245 2.45 17.73 -12.30
CA ASN A 245 3.58 17.13 -13.00
C ASN A 245 4.93 17.48 -12.38
N GLU A 246 5.10 18.72 -11.96
CA GLU A 246 6.34 19.13 -11.30
C GLU A 246 6.54 18.45 -9.94
N ILE A 247 5.48 18.23 -9.18
CA ILE A 247 5.62 17.63 -7.86
C ILE A 247 5.99 16.15 -7.98
N ILE A 248 5.26 15.44 -8.83
CA ILE A 248 5.57 14.04 -9.12
C ILE A 248 6.98 13.88 -9.67
N THR A 249 7.33 14.71 -10.64
CA THR A 249 8.66 14.69 -11.26
C THR A 249 9.72 14.88 -10.19
N ARG A 250 9.37 15.66 -9.17
CA ARG A 250 10.28 16.01 -8.10
C ARG A 250 10.55 14.82 -7.20
N MET A 251 9.50 14.04 -6.92
CA MET A 251 9.61 12.82 -6.12
C MET A 251 10.47 11.76 -6.83
N LEU A 252 10.54 11.85 -8.15
CA LEU A 252 11.30 10.91 -8.98
C LEU A 252 12.71 11.43 -9.33
N ASN A 253 13.22 12.35 -8.52
CA ASN A 253 14.57 12.86 -8.69
C ASN A 253 15.60 11.81 -8.33
N LEU A 254 16.62 11.69 -9.16
CA LEU A 254 17.70 10.73 -8.92
C LEU A 254 18.30 10.87 -7.53
N LYS A 255 18.46 12.11 -7.08
CA LYS A 255 18.98 12.41 -5.75
C LYS A 255 17.90 12.43 -4.68
N ASP A 256 18.08 11.61 -3.65
CA ASP A 256 17.12 11.55 -2.56
C ASP A 256 16.97 12.90 -1.88
N TYR A 257 18.06 13.67 -1.85
CA TYR A 257 18.06 14.96 -1.18
C TYR A 257 17.36 16.07 -1.99
N HIS A 258 17.10 15.80 -3.28
CA HIS A 258 16.33 16.73 -4.10
C HIS A 258 14.83 16.44 -4.02
N ARG A 259 14.47 15.23 -3.61
CA ARG A 259 13.08 14.86 -3.42
C ARG A 259 12.45 15.62 -2.24
N PRO A 260 11.17 16.01 -2.41
CA PRO A 260 10.51 16.76 -1.34
C PRO A 260 10.23 15.88 -0.11
N SER A 261 10.39 16.45 1.07
CA SER A 261 9.99 15.78 2.30
C SER A 261 8.47 15.75 2.40
N VAL A 262 7.96 14.90 3.30
CA VAL A 262 6.54 14.86 3.63
C VAL A 262 6.00 16.26 3.90
N GLU A 263 6.72 17.02 4.73
CA GLU A 263 6.38 18.42 5.03
C GLU A 263 6.34 19.32 3.79
N GLU A 264 7.34 19.18 2.92
CA GLU A 264 7.41 20.00 1.71
C GLU A 264 6.29 19.63 0.74
N ILE A 265 5.93 18.36 0.67
CA ILE A 265 4.85 17.94 -0.21
C ILE A 265 3.54 18.60 0.23
N LEU A 266 3.26 18.51 1.53
CA LEU A 266 2.01 18.99 2.11
C LEU A 266 1.89 20.51 2.08
N GLU A 267 3.00 21.20 1.85
CA GLU A 267 2.98 22.66 1.71
C GLU A 267 2.61 23.09 0.31
N ASN A 268 2.60 22.15 -0.63
CA ASN A 268 2.24 22.44 -2.00
C ASN A 268 0.85 23.07 -2.13
N PRO A 269 0.74 24.19 -2.88
CA PRO A 269 -0.51 24.90 -3.13
C PRO A 269 -1.63 24.05 -3.74
N LEU A 270 -1.27 22.95 -4.41
CA LEU A 270 -2.27 22.02 -4.92
C LEU A 270 -3.11 21.36 -3.81
N ILE A 271 -2.49 21.11 -2.67
CA ILE A 271 -3.11 20.34 -1.59
C ILE A 271 -4.03 21.16 -0.68
N LEU A 272 -5.32 20.83 -0.69
CA LEU A 272 -6.30 21.60 0.07
C LEU A 272 -7.04 20.73 1.09
N GLU A 273 -7.78 21.37 1.99
CA GLU A 273 -8.51 20.66 3.02
C GLU A 273 -9.34 19.47 2.48
N HIS A 274 -10.09 19.70 1.40
CA HIS A 274 -11.02 18.67 0.90
C HIS A 274 -10.31 17.43 0.37
N HIS A 275 -9.02 17.57 0.07
CA HIS A 275 -8.17 16.45 -0.34
C HIS A 275 -7.81 15.50 0.80
N HIS A 276 -7.95 15.96 2.04
CA HIS A 276 -7.69 15.14 3.22
C HIS A 276 -8.89 14.30 3.53
N HIS A 277 -8.78 13.48 4.57
CA HIS A 277 -9.83 12.54 4.95
C HIS A 277 -11.05 13.23 5.57
N HIS A 278 -12.22 12.61 5.39
CA HIS A 278 -13.45 13.02 6.06
C HIS A 278 -14.23 11.77 6.41
N HIS A 279 -14.30 11.49 7.70
CA HIS A 279 -15.04 10.32 8.17
C HIS A 279 -16.29 10.80 8.88
#